data_6XV1
#
_entry.id   6XV1
#
_cell.length_a   91.175
_cell.length_b   91.175
_cell.length_c   143.584
_cell.angle_alpha   90.000
_cell.angle_beta   90.000
_cell.angle_gamma   120.000
#
_symmetry.space_group_name_H-M   'P 63'
#
loop_
_entity.id
_entity.type
_entity.pdbx_description
1 polymer 'NAD-dependent protein deacetylase sirtuin-6'
2 non-polymer '[(2R,3S,4R,5R)-5-(6-AMINOPURIN-9-YL)-3,4-DIHYDROXY-OXOLAN-2-YL]METHYL [HYDROXY-[[(2R,3S,4R,5S)-3,4,5-TRIHYDROXYOXOLAN-2-YL]METHOXY]PHOSPHORYL] HYDROGEN PHOSPHATE'
3 non-polymer 'ZINC ION'
4 non-polymer '5-[[3,5-bis(chloranyl)phenyl]sulfonylamino]-2-[(5-bromanyl-4-fluoranyl-2-methyl-phenyl)sulfamoyl]benzoic acid'
5 non-polymer 'SULFATE ION'
6 water water
#
_entity_poly.entity_id   1
_entity_poly.type   'polypeptide(L)'
_entity_poly.pdbx_seq_one_letter_code
;GIDPFTADKGKCGLPEIFDPPEELERKVWELARLVWQSSSVVFHTGAGISTASGIPDFRGPHGVWTMEERGLAPKFDTTF
ESARPTQTHMALVQLERVGLLRFLVSQNVDGLHVRSGFPRDKLAELHGNMFVEECAKCKTQYVRDTVVGTMGLKATGRLC
TVAKARGLRACRGELRDTILDWEDSLPDRDLALADEASRNADLSITLGTSLQIRPSGNLPLATKRRGGRLVIVNLQPTKH
DRHADLRIHGYVDEVMTRLMKHLGLEIPAWDGPRVLERALPPLPRPPTPKLEPKEESPTRIN
;
_entity_poly.pdbx_strand_id   A,B
#
loop_
_chem_comp.id
_chem_comp.type
_chem_comp.name
_chem_comp.formula
8L9 non-polymer '5-[[3,5-bis(chloranyl)phenyl]sulfonylamino]-2-[(5-bromanyl-4-fluoranyl-2-methyl-phenyl)sulfamoyl]benzoic acid' 'C20 H14 Br Cl2 F N2 O6 S2'
AR6 non-polymer '[(2R,3S,4R,5R)-5-(6-AMINOPURIN-9-YL)-3,4-DIHYDROXY-OXOLAN-2-YL]METHYL [HYDROXY-[[(2R,3S,4R,5S)-3,4,5-TRIHYDROXYOXOLAN-2-YL]METHOXY]PHOSPHORYL] HYDROGEN PHOSPHATE' 'C15 H23 N5 O14 P2'
SO4 non-polymer 'SULFATE ION' 'O4 S -2'
ZN non-polymer 'ZINC ION' 'Zn 2'
#
# COMPACT_ATOMS: atom_id res chain seq x y z
N PRO A 4 26.55 16.99 -1.06
CA PRO A 4 26.03 15.72 -0.50
C PRO A 4 25.49 15.96 0.92
N PHE A 5 26.41 16.36 1.79
CA PHE A 5 26.08 16.97 3.09
C PHE A 5 25.48 18.33 2.78
N THR A 6 26.12 19.04 1.83
CA THR A 6 25.91 20.44 1.39
C THR A 6 24.59 20.57 0.59
N ALA A 7 24.09 19.48 0.03
CA ALA A 7 22.90 19.44 -0.85
C ALA A 7 21.77 20.35 -0.31
N ASP A 8 21.26 21.26 -1.15
CA ASP A 8 19.96 22.00 -1.05
C ASP A 8 18.78 21.05 -1.31
N LYS A 9 18.10 20.65 -0.25
CA LYS A 9 16.95 19.71 -0.35
C LYS A 9 15.61 20.45 -0.42
N GLY A 10 15.65 21.77 -0.64
CA GLY A 10 14.46 22.58 -0.97
C GLY A 10 13.48 22.69 0.18
N LYS A 11 12.19 22.94 -0.08
CA LYS A 11 11.22 23.25 1.01
C LYS A 11 10.63 21.91 1.48
N CYS A 12 10.76 21.60 2.77
CA CYS A 12 10.41 20.29 3.34
C CYS A 12 9.29 20.55 4.34
N GLY A 13 8.26 19.71 4.32
CA GLY A 13 7.33 19.70 5.47
C GLY A 13 6.31 20.84 5.34
N LEU A 14 6.09 21.41 4.15
CA LEU A 14 5.04 22.44 3.94
C LEU A 14 3.67 21.85 4.29
N PRO A 15 2.65 22.68 4.66
CA PRO A 15 1.35 22.13 5.07
C PRO A 15 0.55 21.46 3.93
N GLU A 16 -0.12 20.39 4.28
CA GLU A 16 -0.95 19.66 3.30
C GLU A 16 -2.26 20.44 3.10
N ILE A 17 -2.74 20.48 1.86
CA ILE A 17 -4.07 21.02 1.43
C ILE A 17 -5.05 19.89 1.12
N PHE A 18 -6.28 20.02 1.60
CA PHE A 18 -7.36 19.03 1.40
C PHE A 18 -8.49 19.75 0.69
N ASP A 19 -8.64 19.55 -0.62
CA ASP A 19 -9.89 20.00 -1.30
C ASP A 19 -11.10 19.33 -0.63
N PRO A 20 -12.20 20.07 -0.29
CA PRO A 20 -13.38 19.46 0.29
C PRO A 20 -14.05 18.65 -0.82
N PRO A 21 -14.79 17.60 -0.41
CA PRO A 21 -15.20 16.49 -1.28
C PRO A 21 -16.02 16.92 -2.49
N GLU A 22 -16.80 17.99 -2.32
CA GLU A 22 -17.60 18.53 -3.42
C GLU A 22 -16.68 19.21 -4.44
N GLU A 23 -15.66 19.91 -3.99
CA GLU A 23 -14.74 20.60 -4.92
C GLU A 23 -13.92 19.49 -5.57
N LEU A 24 -13.52 18.52 -4.73
CA LEU A 24 -12.69 17.37 -5.12
C LEU A 24 -13.41 16.67 -6.28
N GLU A 25 -14.69 16.32 -6.12
CA GLU A 25 -15.51 15.64 -7.18
C GLU A 25 -15.54 16.53 -8.44
N ARG A 26 -15.77 17.82 -8.31
CA ARG A 26 -15.80 18.68 -9.54
C ARG A 26 -14.43 18.68 -10.21
N LYS A 27 -13.34 18.78 -9.46
CA LYS A 27 -11.98 18.82 -10.09
C LYS A 27 -11.61 17.52 -10.82
N VAL A 28 -12.06 16.41 -10.30
CA VAL A 28 -11.75 15.09 -10.90
C VAL A 28 -12.58 14.98 -12.20
N TRP A 29 -13.81 15.44 -12.15
CA TRP A 29 -14.60 15.48 -13.40
C TRP A 29 -13.92 16.35 -14.45
N GLU A 30 -13.41 17.51 -14.06
CA GLU A 30 -12.78 18.42 -15.05
C GLU A 30 -11.54 17.72 -15.62
N LEU A 31 -10.79 16.98 -14.78
CA LEU A 31 -9.64 16.20 -15.23
C LEU A 31 -10.11 15.16 -16.26
N ALA A 32 -11.17 14.42 -15.95
CA ALA A 32 -11.79 13.52 -16.95
C ALA A 32 -11.97 14.25 -18.27
N ARG A 33 -12.66 15.41 -18.25
CA ARG A 33 -12.88 16.19 -19.47
C ARG A 33 -11.55 16.54 -20.12
N LEU A 34 -10.51 16.92 -19.38
CA LEU A 34 -9.22 17.32 -20.00
C LEU A 34 -8.60 16.10 -20.73
N VAL A 35 -8.69 14.90 -20.14
CA VAL A 35 -8.14 13.64 -20.67
C VAL A 35 -8.86 13.32 -22.00
N TRP A 36 -10.20 13.36 -22.02
CA TRP A 36 -11.06 13.05 -23.19
C TRP A 36 -10.71 14.02 -24.33
N GLN A 37 -10.32 15.27 -24.05
CA GLN A 37 -10.13 16.28 -25.10
C GLN A 37 -8.72 16.14 -25.65
N SER A 38 -7.79 15.57 -24.91
CA SER A 38 -6.35 15.76 -25.26
C SER A 38 -5.92 14.72 -26.26
N SER A 39 -5.11 15.11 -27.23
CA SER A 39 -4.50 14.18 -28.20
C SER A 39 -3.36 13.41 -27.55
N SER A 40 -2.50 14.06 -26.78
CA SER A 40 -1.25 13.42 -26.31
C SER A 40 -1.09 13.69 -24.82
N VAL A 41 -1.36 12.69 -23.95
CA VAL A 41 -1.36 12.93 -22.49
C VAL A 41 -0.05 12.37 -21.91
N VAL A 42 0.64 13.18 -21.09
CA VAL A 42 1.91 12.81 -20.42
C VAL A 42 1.73 12.92 -18.93
N PHE A 43 2.16 11.86 -18.24
CA PHE A 43 2.08 11.81 -16.76
C PHE A 43 3.47 11.95 -16.21
N HIS A 44 3.61 12.78 -15.15
CA HIS A 44 4.86 13.01 -14.43
C HIS A 44 4.66 12.54 -13.00
N THR A 45 5.45 11.57 -12.50
CA THR A 45 5.18 11.03 -11.13
C THR A 45 6.38 11.20 -10.21
N GLY A 46 6.11 11.29 -8.89
CA GLY A 46 7.15 11.46 -7.85
C GLY A 46 6.77 10.63 -6.67
N ALA A 47 7.53 10.77 -5.61
CA ALA A 47 7.56 9.91 -4.42
C ALA A 47 6.18 9.87 -3.79
N GLY A 48 5.26 10.77 -4.09
CA GLY A 48 3.91 10.78 -3.48
C GLY A 48 2.99 9.67 -3.98
N ILE A 49 3.20 9.19 -5.20
CA ILE A 49 2.47 7.97 -5.69
C ILE A 49 2.86 6.64 -5.00
N SER A 50 3.90 6.53 -4.17
CA SER A 50 4.30 5.26 -3.52
C SER A 50 4.09 5.32 -1.99
N THR A 51 3.72 6.46 -1.47
CA THR A 51 3.51 6.57 0.02
C THR A 51 2.52 5.49 0.47
N ALA A 52 1.49 5.25 -0.30
CA ALA A 52 0.31 4.36 0.01
C ALA A 52 0.68 2.90 -0.14
N SER A 53 1.92 2.65 -0.48
CA SER A 53 2.59 1.33 -0.55
C SER A 53 3.63 1.12 0.59
N GLY A 54 3.86 2.08 1.48
CA GLY A 54 4.74 1.99 2.69
C GLY A 54 6.05 2.74 2.51
N ILE A 55 6.28 3.36 1.33
CA ILE A 55 7.55 4.02 0.97
C ILE A 55 7.43 5.50 1.26
N PRO A 56 8.23 6.05 2.16
CA PRO A 56 8.08 7.45 2.50
C PRO A 56 8.47 8.37 1.31
N ASP A 57 7.92 9.58 1.27
CA ASP A 57 8.31 10.59 0.24
C ASP A 57 9.54 11.34 0.77
N PHE A 58 10.03 12.36 0.07
CA PHE A 58 11.17 13.19 0.53
C PHE A 58 10.73 14.41 1.33
N ARG A 59 9.73 15.18 0.89
CA ARG A 59 9.49 16.53 1.44
C ARG A 59 8.11 16.61 2.02
N GLY A 60 7.44 15.46 2.14
CA GLY A 60 6.16 15.43 2.85
C GLY A 60 6.35 15.60 4.35
N PRO A 61 5.25 15.68 5.12
CA PRO A 61 5.33 15.79 6.60
C PRO A 61 6.28 14.79 7.26
N HIS A 62 6.25 13.50 6.85
CA HIS A 62 7.12 12.42 7.31
C HIS A 62 8.08 12.00 6.20
N GLY A 63 8.48 12.95 5.35
CA GLY A 63 9.44 12.68 4.28
C GLY A 63 10.86 12.52 4.79
N VAL A 64 11.65 11.77 4.03
CA VAL A 64 13.09 11.46 4.32
C VAL A 64 13.83 12.76 4.70
N TRP A 65 13.80 13.76 3.83
CA TRP A 65 14.48 15.06 4.03
C TRP A 65 13.79 15.83 5.17
N THR A 66 12.47 15.90 5.20
CA THR A 66 11.71 16.55 6.30
C THR A 66 12.16 16.03 7.67
N MET A 67 12.28 14.71 7.82
CA MET A 67 12.54 14.03 9.11
C MET A 67 13.99 14.29 9.48
N GLU A 68 14.86 14.32 8.48
CA GLU A 68 16.28 14.67 8.62
C GLU A 68 16.39 16.04 9.31
N GLU A 69 15.73 17.04 8.75
CA GLU A 69 15.70 18.43 9.22
C GLU A 69 15.33 18.48 10.71
N ARG A 70 14.60 17.49 11.17
CA ARG A 70 14.02 17.50 12.53
C ARG A 70 14.80 16.57 13.44
N GLY A 71 15.92 16.01 12.97
CA GLY A 71 16.65 14.92 13.66
C GLY A 71 15.91 13.57 13.77
N LEU A 72 14.95 13.25 12.91
CA LEU A 72 14.10 12.05 13.05
C LEU A 72 14.39 11.18 11.83
N ALA A 73 14.05 9.91 11.90
CA ALA A 73 14.29 8.96 10.78
C ALA A 73 12.99 8.86 10.00
N PRO A 74 13.04 8.59 8.69
CA PRO A 74 11.82 8.25 7.96
C PRO A 74 11.43 6.80 8.27
N LYS A 75 10.22 6.42 7.94
CA LYS A 75 9.66 5.11 8.31
C LYS A 75 9.24 4.44 7.01
N PHE A 76 9.79 3.25 6.78
CA PHE A 76 9.34 2.32 5.71
C PHE A 76 8.34 1.36 6.38
N ASP A 77 7.30 0.99 5.68
CA ASP A 77 6.31 -0.03 6.13
C ASP A 77 6.48 -1.27 5.24
N THR A 78 7.47 -1.27 4.36
CA THR A 78 7.75 -2.38 3.40
C THR A 78 9.22 -2.33 2.98
N THR A 79 9.75 -3.41 2.37
CA THR A 79 11.08 -3.27 1.73
C THR A 79 10.86 -2.89 0.32
N PHE A 80 11.91 -2.51 -0.38
CA PHE A 80 11.69 -2.17 -1.81
C PHE A 80 11.20 -3.43 -2.55
N GLU A 81 11.73 -4.59 -2.17
CA GLU A 81 11.39 -5.88 -2.80
C GLU A 81 9.94 -6.29 -2.55
N SER A 82 9.42 -6.00 -1.36
CA SER A 82 8.05 -6.45 -0.96
C SER A 82 6.96 -5.40 -1.24
N ALA A 83 7.29 -4.27 -1.83
CA ALA A 83 6.31 -3.18 -2.03
C ALA A 83 5.45 -3.59 -3.22
N ARG A 84 4.15 -3.43 -3.10
CA ARG A 84 3.21 -3.57 -4.24
C ARG A 84 3.00 -2.21 -4.91
N PRO A 85 2.86 -2.21 -6.23
CA PRO A 85 2.30 -1.03 -6.88
C PRO A 85 0.94 -0.58 -6.32
N THR A 86 0.76 0.74 -6.22
CA THR A 86 -0.49 1.31 -5.65
C THR A 86 -1.56 1.20 -6.73
N GLN A 87 -2.81 1.52 -6.36
CA GLN A 87 -3.95 1.73 -7.31
C GLN A 87 -3.49 2.73 -8.43
N THR A 88 -2.81 3.80 -8.10
CA THR A 88 -2.35 4.83 -9.04
C THR A 88 -1.44 4.15 -10.03
N HIS A 89 -0.41 3.42 -9.57
CA HIS A 89 0.55 2.73 -10.45
C HIS A 89 -0.22 1.89 -11.50
N MET A 90 -1.09 1.02 -11.00
CA MET A 90 -1.88 0.08 -11.84
C MET A 90 -2.81 0.89 -12.78
N ALA A 91 -3.32 2.07 -12.35
CA ALA A 91 -4.25 2.87 -13.19
C ALA A 91 -3.43 3.38 -14.39
N LEU A 92 -2.15 3.68 -14.20
CA LEU A 92 -1.26 4.27 -15.29
C LEU A 92 -0.88 3.14 -16.26
N VAL A 93 -0.80 1.90 -15.75
CA VAL A 93 -0.61 0.69 -16.60
C VAL A 93 -1.78 0.65 -17.58
N GLN A 94 -3.02 0.64 -17.05
CA GLN A 94 -4.27 0.64 -17.83
C GLN A 94 -4.31 1.80 -18.78
N LEU A 95 -4.07 3.03 -18.36
CA LEU A 95 -4.23 4.17 -19.28
C LEU A 95 -3.29 4.02 -20.47
N GLU A 96 -2.13 3.43 -20.25
CA GLU A 96 -1.16 3.21 -21.34
C GLU A 96 -1.66 2.09 -22.26
N ARG A 97 -2.28 1.06 -21.68
CA ARG A 97 -2.78 -0.08 -22.50
C ARG A 97 -3.87 0.40 -23.45
N VAL A 98 -4.71 1.32 -23.01
CA VAL A 98 -5.87 1.79 -23.82
C VAL A 98 -5.48 3.00 -24.68
N GLY A 99 -4.21 3.40 -24.72
CA GLY A 99 -3.80 4.44 -25.66
C GLY A 99 -4.09 5.83 -25.10
N LEU A 100 -4.47 5.95 -23.83
CA LEU A 100 -4.79 7.27 -23.23
C LEU A 100 -3.58 7.99 -22.66
N LEU A 101 -2.49 7.27 -22.40
CA LEU A 101 -1.25 7.81 -21.84
C LEU A 101 -0.23 7.68 -22.93
N ARG A 102 0.44 8.76 -23.24
CA ARG A 102 1.42 8.69 -24.37
C ARG A 102 2.78 8.38 -23.77
N PHE A 103 3.12 9.00 -22.64
CA PHE A 103 4.43 8.80 -22.01
C PHE A 103 4.32 9.04 -20.49
N LEU A 104 5.23 8.41 -19.81
CA LEU A 104 5.30 8.40 -18.32
C LEU A 104 6.69 8.87 -17.92
N VAL A 105 6.74 10.08 -17.32
CA VAL A 105 7.98 10.64 -16.72
C VAL A 105 7.98 10.51 -15.18
N SER A 106 8.98 9.83 -14.64
CA SER A 106 9.11 9.52 -13.19
C SER A 106 10.49 9.87 -12.68
N GLN A 107 10.48 10.51 -11.51
CA GLN A 107 11.63 10.79 -10.68
C GLN A 107 11.89 9.62 -9.77
N ASN A 108 10.97 8.66 -9.68
CA ASN A 108 11.01 7.67 -8.58
C ASN A 108 12.11 6.67 -8.95
N VAL A 109 12.80 6.23 -7.93
CA VAL A 109 13.91 5.23 -8.01
C VAL A 109 13.43 3.94 -7.38
N ASP A 110 12.19 3.91 -6.90
CA ASP A 110 11.66 2.74 -6.12
C ASP A 110 11.40 1.51 -7.04
N GLY A 111 11.49 1.64 -8.33
CA GLY A 111 11.33 0.48 -9.23
C GLY A 111 9.89 0.02 -9.44
N LEU A 112 8.85 0.71 -8.99
CA LEU A 112 7.48 0.15 -8.98
C LEU A 112 6.78 0.30 -10.32
N HIS A 113 7.09 1.32 -11.07
CA HIS A 113 6.56 1.46 -12.42
C HIS A 113 6.97 0.26 -13.25
N VAL A 114 8.26 -0.10 -13.29
CA VAL A 114 8.72 -1.28 -14.09
C VAL A 114 8.06 -2.57 -13.54
N ARG A 115 8.05 -2.72 -12.24
CA ARG A 115 7.51 -3.95 -11.60
C ARG A 115 6.03 -4.08 -11.80
N SER A 116 5.28 -2.98 -11.92
CA SER A 116 3.84 -2.97 -12.22
C SER A 116 3.57 -3.55 -13.59
N GLY A 117 4.56 -3.54 -14.51
CA GLY A 117 4.49 -4.12 -15.88
C GLY A 117 4.46 -3.00 -16.86
N PHE A 118 4.76 -1.76 -16.42
CA PHE A 118 4.65 -0.62 -17.31
C PHE A 118 5.69 -0.75 -18.40
N PRO A 119 5.33 -0.61 -19.71
CA PRO A 119 6.31 -0.69 -20.78
C PRO A 119 7.47 0.32 -20.74
N ARG A 120 8.68 -0.27 -20.72
CA ARG A 120 9.93 0.51 -20.44
C ARG A 120 10.16 1.53 -21.56
N ASP A 121 9.73 1.22 -22.78
CA ASP A 121 9.86 2.18 -23.92
C ASP A 121 8.84 3.31 -23.82
N LYS A 122 7.93 3.35 -22.83
CA LYS A 122 7.04 4.55 -22.64
C LYS A 122 7.34 5.23 -21.29
N LEU A 123 8.46 4.87 -20.70
CA LEU A 123 8.83 5.39 -19.36
C LEU A 123 10.24 5.99 -19.38
N ALA A 124 10.36 7.19 -18.82
CA ALA A 124 11.65 7.85 -18.45
C ALA A 124 11.81 7.75 -16.93
N GLU A 125 12.87 7.11 -16.48
CA GLU A 125 13.26 7.03 -15.04
C GLU A 125 14.44 7.97 -14.80
N LEU A 126 14.08 9.22 -14.51
CA LEU A 126 15.08 10.35 -14.61
C LEU A 126 16.15 10.24 -13.52
N HIS A 127 15.84 9.61 -12.37
CA HIS A 127 16.72 9.59 -11.17
C HIS A 127 17.32 8.21 -11.00
N GLY A 128 16.92 7.29 -11.88
CA GLY A 128 17.37 5.90 -11.95
C GLY A 128 16.45 4.94 -11.23
N ASN A 129 16.89 3.73 -11.01
CA ASN A 129 16.02 2.61 -10.53
C ASN A 129 16.87 1.72 -9.67
N MET A 130 16.40 1.44 -8.46
CA MET A 130 17.19 0.71 -7.49
C MET A 130 17.42 -0.71 -8.03
N PHE A 131 16.50 -1.28 -8.82
CA PHE A 131 16.62 -2.69 -9.31
C PHE A 131 17.41 -2.78 -10.60
N VAL A 132 17.84 -1.64 -11.14
CA VAL A 132 18.47 -1.59 -12.50
C VAL A 132 19.97 -1.28 -12.40
N GLU A 133 20.76 -2.14 -13.01
CA GLU A 133 22.23 -1.96 -13.11
C GLU A 133 22.57 -1.90 -14.59
N GLU A 134 23.60 -1.15 -14.92
CA GLU A 134 23.98 -0.87 -16.31
C GLU A 134 25.47 -1.17 -16.55
N CYS A 135 25.78 -1.82 -17.67
CA CYS A 135 27.17 -2.13 -18.05
C CYS A 135 27.89 -0.86 -18.51
N ALA A 136 28.90 -0.45 -17.77
CA ALA A 136 29.77 0.70 -18.11
C ALA A 136 30.29 0.57 -19.56
N LYS A 137 30.58 -0.64 -20.05
CA LYS A 137 31.16 -0.83 -21.42
C LYS A 137 30.07 -0.69 -22.49
N CYS A 138 29.05 -1.55 -22.51
CA CYS A 138 28.15 -1.73 -23.69
C CYS A 138 26.81 -1.02 -23.44
N LYS A 139 26.59 -0.53 -22.21
CA LYS A 139 25.38 0.17 -21.71
C LYS A 139 24.17 -0.78 -21.62
N THR A 140 24.35 -2.11 -21.63
CA THR A 140 23.21 -3.02 -21.47
C THR A 140 22.70 -2.89 -20.04
N GLN A 141 21.39 -2.75 -19.89
CA GLN A 141 20.72 -2.63 -18.56
C GLN A 141 20.12 -3.97 -18.19
N TYR A 142 20.19 -4.32 -16.92
CA TYR A 142 19.60 -5.54 -16.35
C TYR A 142 18.60 -5.07 -15.29
N VAL A 143 17.39 -5.60 -15.33
CA VAL A 143 16.34 -5.36 -14.33
C VAL A 143 16.33 -6.54 -13.37
N ARG A 144 16.79 -6.33 -12.16
CA ARG A 144 17.03 -7.48 -11.23
C ARG A 144 15.78 -7.57 -10.37
N ASP A 145 15.64 -8.65 -9.62
CA ASP A 145 14.52 -8.96 -8.71
C ASP A 145 14.74 -8.48 -7.29
N THR A 146 15.94 -8.02 -7.00
CA THR A 146 16.33 -7.46 -5.69
C THR A 146 17.11 -6.20 -5.98
N VAL A 147 17.14 -5.29 -4.99
CA VAL A 147 17.76 -3.95 -5.20
C VAL A 147 19.26 -4.10 -5.49
N VAL A 148 19.81 -3.36 -6.42
CA VAL A 148 21.28 -3.35 -6.69
C VAL A 148 21.92 -2.56 -5.53
N GLY A 149 22.83 -3.19 -4.80
CA GLY A 149 23.20 -2.78 -3.45
C GLY A 149 23.96 -1.45 -3.35
N THR A 150 24.27 -0.75 -4.45
CA THR A 150 25.04 0.53 -4.41
C THR A 150 24.16 1.70 -4.88
N MET A 151 24.54 2.94 -4.60
CA MET A 151 23.95 4.17 -5.19
C MET A 151 25.09 5.06 -5.65
N GLY A 152 24.78 6.00 -6.54
CA GLY A 152 25.71 7.06 -7.01
C GLY A 152 26.58 6.56 -8.13
N LEU A 153 26.09 5.56 -8.90
CA LEU A 153 26.67 5.05 -10.18
C LEU A 153 27.95 4.27 -9.86
N LYS A 154 27.92 3.50 -8.78
CA LYS A 154 29.10 2.71 -8.30
C LYS A 154 29.12 1.32 -8.94
N ALA A 155 30.31 0.74 -9.10
CA ALA A 155 30.48 -0.71 -9.34
C ALA A 155 29.58 -1.51 -8.38
N THR A 156 28.77 -2.43 -8.90
CA THR A 156 27.93 -3.30 -8.04
C THR A 156 28.69 -4.57 -7.67
N GLY A 157 29.72 -4.95 -8.45
CA GLY A 157 30.50 -6.20 -8.24
C GLY A 157 29.99 -7.31 -9.16
N ARG A 158 29.16 -7.01 -10.15
CA ARG A 158 28.79 -8.06 -11.16
C ARG A 158 29.35 -7.63 -12.51
N LEU A 159 29.41 -8.55 -13.46
CA LEU A 159 29.94 -8.30 -14.81
C LEU A 159 28.86 -8.58 -15.83
N CYS A 160 29.04 -7.97 -16.98
CA CYS A 160 28.13 -8.00 -18.11
C CYS A 160 28.18 -9.40 -18.71
N THR A 161 27.06 -9.93 -19.13
CA THR A 161 27.01 -11.30 -19.69
C THR A 161 26.56 -11.22 -21.12
N VAL A 162 26.65 -10.06 -21.78
CA VAL A 162 26.13 -9.96 -23.16
C VAL A 162 27.02 -10.81 -24.09
N ALA A 163 26.38 -11.58 -25.00
CA ALA A 163 26.92 -12.49 -26.05
C ALA A 163 28.42 -12.28 -26.27
N CYS A 171 31.20 -10.03 -22.95
CA CYS A 171 31.47 -8.55 -22.83
C CYS A 171 32.27 -8.29 -21.57
N ARG A 172 31.79 -8.82 -20.44
CA ARG A 172 32.39 -8.76 -19.10
C ARG A 172 32.63 -7.32 -18.64
N GLY A 173 31.85 -6.35 -19.15
CA GLY A 173 31.74 -4.99 -18.59
C GLY A 173 31.41 -4.99 -17.10
N GLU A 174 31.97 -4.02 -16.35
CA GLU A 174 31.62 -3.67 -14.94
C GLU A 174 30.16 -3.14 -14.90
N LEU A 175 29.28 -3.82 -14.16
CA LEU A 175 27.92 -3.35 -13.85
C LEU A 175 28.03 -2.23 -12.79
N ARG A 176 27.19 -1.23 -12.96
CA ARG A 176 27.09 -0.14 -11.99
C ARG A 176 25.61 0.12 -11.76
N ASP A 177 25.28 0.75 -10.64
CA ASP A 177 23.91 1.17 -10.29
C ASP A 177 23.50 2.37 -11.16
N THR A 178 22.21 2.65 -11.21
CA THR A 178 21.71 3.79 -12.02
C THR A 178 21.22 4.92 -11.12
N ILE A 179 21.55 4.86 -9.83
CA ILE A 179 21.05 5.87 -8.86
C ILE A 179 21.93 7.10 -8.89
N LEU A 180 21.36 8.22 -9.37
CA LEU A 180 22.10 9.49 -9.49
C LEU A 180 22.40 10.00 -8.08
N ASP A 181 23.64 10.45 -7.92
CA ASP A 181 24.04 11.32 -6.78
C ASP A 181 23.64 12.75 -7.14
N TRP A 182 23.53 13.61 -6.12
CA TRP A 182 23.21 15.04 -6.25
C TRP A 182 23.94 15.63 -7.46
N GLU A 183 25.24 15.39 -7.64
CA GLU A 183 26.04 16.12 -8.66
C GLU A 183 25.77 15.63 -10.08
N ASP A 184 25.30 14.37 -10.24
CA ASP A 184 25.27 13.62 -11.53
C ASP A 184 24.25 14.17 -12.51
N SER A 185 24.62 14.35 -13.78
CA SER A 185 23.63 14.79 -14.80
C SER A 185 22.70 13.60 -15.16
N LEU A 186 21.47 13.92 -15.48
CA LEU A 186 20.38 12.93 -15.74
C LEU A 186 20.71 12.11 -16.98
N PRO A 187 20.21 10.85 -17.10
CA PRO A 187 20.49 10.07 -18.31
C PRO A 187 19.98 10.78 -19.56
N ASP A 188 20.88 11.06 -20.50
CA ASP A 188 20.54 11.78 -21.78
C ASP A 188 19.33 11.15 -22.49
N ARG A 189 19.27 9.83 -22.61
CA ARG A 189 18.15 9.15 -23.35
C ARG A 189 16.81 9.36 -22.62
N ASP A 190 16.76 9.06 -21.34
CA ASP A 190 15.53 9.27 -20.57
C ASP A 190 15.19 10.75 -20.62
N LEU A 191 16.17 11.65 -20.42
CA LEU A 191 15.84 13.10 -20.46
C LEU A 191 15.37 13.52 -21.85
N ALA A 192 16.12 13.18 -22.89
CA ALA A 192 15.74 13.51 -24.27
C ALA A 192 14.27 13.10 -24.55
N LEU A 193 13.91 11.85 -24.26
CA LEU A 193 12.55 11.30 -24.51
C LEU A 193 11.52 12.00 -23.61
N ALA A 194 11.87 12.26 -22.36
CA ALA A 194 11.00 12.98 -21.40
C ALA A 194 10.70 14.37 -21.96
N ASP A 195 11.72 15.07 -22.49
CA ASP A 195 11.59 16.47 -23.00
C ASP A 195 10.72 16.47 -24.26
N GLU A 196 11.03 15.60 -25.19
CA GLU A 196 10.26 15.48 -26.46
C GLU A 196 8.79 15.29 -26.07
N ALA A 197 8.51 14.28 -25.24
CA ALA A 197 7.13 13.93 -24.83
C ALA A 197 6.43 15.13 -24.21
N SER A 198 7.10 15.86 -23.31
CA SER A 198 6.52 17.01 -22.56
C SER A 198 6.20 18.16 -23.53
N ARG A 199 7.17 18.49 -24.39
CA ARG A 199 7.05 19.54 -25.42
C ARG A 199 5.84 19.32 -26.32
N ASN A 200 5.65 18.12 -26.83
CA ASN A 200 4.56 17.80 -27.79
C ASN A 200 3.23 17.42 -27.13
N ALA A 201 3.16 17.16 -25.85
CA ALA A 201 1.88 16.85 -25.16
C ALA A 201 0.96 18.07 -25.21
N ASP A 202 -0.33 17.86 -25.30
CA ASP A 202 -1.36 18.91 -25.04
C ASP A 202 -1.91 18.81 -23.60
N LEU A 203 -1.55 17.78 -22.83
CA LEU A 203 -1.89 17.68 -21.36
C LEU A 203 -0.76 16.95 -20.61
N SER A 204 -0.26 17.59 -19.56
CA SER A 204 0.75 17.04 -18.59
C SER A 204 0.05 17.06 -17.26
N ILE A 205 0.02 15.89 -16.65
CA ILE A 205 -0.60 15.59 -15.31
C ILE A 205 0.54 15.19 -14.36
N THR A 206 0.68 15.95 -13.29
CA THR A 206 1.64 15.69 -12.22
C THR A 206 0.90 15.01 -11.05
N LEU A 207 1.51 13.98 -10.49
CA LEU A 207 0.99 13.13 -9.38
C LEU A 207 2.08 12.96 -8.32
N GLY A 208 1.89 13.53 -7.13
CA GLY A 208 2.75 13.26 -5.95
C GLY A 208 4.20 13.64 -6.22
N THR A 209 4.46 14.73 -6.95
CA THR A 209 5.78 15.47 -6.91
C THR A 209 5.58 16.95 -6.54
N SER A 210 6.51 17.45 -5.71
CA SER A 210 6.61 18.85 -5.29
C SER A 210 7.20 19.68 -6.46
N LEU A 211 7.80 19.05 -7.43
CA LEU A 211 8.38 19.76 -8.64
C LEU A 211 9.52 20.73 -8.28
N GLN A 212 10.35 20.39 -7.30
CA GLN A 212 11.43 21.33 -6.85
C GLN A 212 12.76 21.02 -7.54
N ILE A 213 12.87 19.91 -8.25
CA ILE A 213 14.17 19.48 -8.83
C ILE A 213 14.25 19.85 -10.30
N ARG A 214 15.37 20.46 -10.67
CA ARG A 214 15.71 20.81 -12.07
C ARG A 214 16.50 19.63 -12.62
N PRO A 215 16.31 19.24 -13.89
CA PRO A 215 15.23 19.75 -14.73
C PRO A 215 13.92 18.96 -14.62
N SER A 216 13.94 17.86 -13.86
CA SER A 216 12.76 16.99 -13.61
C SER A 216 11.49 17.78 -13.44
N GLY A 217 11.45 18.72 -12.50
CA GLY A 217 10.18 19.38 -12.13
C GLY A 217 9.74 20.40 -13.10
N ASN A 218 10.62 20.75 -14.02
CA ASN A 218 10.36 21.79 -15.03
C ASN A 218 9.72 21.21 -16.30
N LEU A 219 9.85 19.91 -16.52
CA LEU A 219 9.34 19.27 -17.75
C LEU A 219 7.84 19.54 -17.95
N PRO A 220 6.95 19.32 -16.94
CA PRO A 220 5.53 19.55 -17.18
C PRO A 220 5.23 20.97 -17.72
N LEU A 221 6.03 21.97 -17.34
CA LEU A 221 5.86 23.40 -17.77
C LEU A 221 6.08 23.54 -19.29
N ALA A 222 6.88 22.68 -19.86
CA ALA A 222 7.17 22.67 -21.32
C ALA A 222 5.88 22.37 -22.10
N THR A 223 4.93 21.70 -21.46
CA THR A 223 3.65 21.32 -22.07
C THR A 223 2.82 22.61 -22.25
N LYS A 224 2.97 23.55 -21.33
CA LYS A 224 2.28 24.88 -21.37
C LYS A 224 2.69 25.70 -22.61
N ARG A 225 3.84 25.46 -23.22
CA ARG A 225 4.27 26.19 -24.46
C ARG A 225 3.50 25.62 -25.66
N ARG A 226 2.89 26.51 -26.43
CA ARG A 226 2.02 26.20 -27.61
C ARG A 226 0.65 25.71 -27.09
N GLY A 227 0.30 26.10 -25.87
CA GLY A 227 -1.09 26.20 -25.44
C GLY A 227 -1.58 24.92 -24.80
N GLY A 228 -0.64 24.09 -24.30
CA GLY A 228 -0.87 22.80 -23.62
C GLY A 228 -1.35 23.11 -22.25
N ARG A 229 -2.08 22.18 -21.61
CA ARG A 229 -2.74 22.32 -20.31
C ARG A 229 -1.91 21.52 -19.30
N LEU A 230 -1.86 22.01 -18.06
CA LEU A 230 -1.11 21.35 -16.97
C LEU A 230 -2.07 21.16 -15.79
N VAL A 231 -2.08 19.95 -15.29
CA VAL A 231 -2.82 19.52 -14.07
C VAL A 231 -1.80 19.04 -13.03
N ILE A 232 -1.93 19.52 -11.80
CA ILE A 232 -1.00 19.19 -10.70
C ILE A 232 -1.84 18.47 -9.65
N VAL A 233 -1.52 17.22 -9.36
CA VAL A 233 -2.24 16.50 -8.26
C VAL A 233 -1.24 16.25 -7.14
N ASN A 234 -1.49 16.83 -5.94
CA ASN A 234 -0.45 16.91 -4.89
C ASN A 234 -1.02 17.41 -3.55
N LEU A 235 -0.72 16.72 -2.41
CA LEU A 235 -1.25 17.18 -1.09
C LEU A 235 -0.65 18.56 -0.67
N GLN A 236 0.59 18.85 -1.04
CA GLN A 236 1.37 20.04 -0.64
C GLN A 236 1.37 20.95 -1.84
N PRO A 237 1.59 22.25 -1.59
CA PRO A 237 1.97 23.19 -2.63
C PRO A 237 3.16 22.61 -3.40
N THR A 238 3.25 23.00 -4.66
CA THR A 238 4.33 22.60 -5.54
C THR A 238 4.90 23.86 -6.20
N LYS A 239 6.16 23.77 -6.64
CA LYS A 239 6.93 24.91 -7.21
C LYS A 239 6.13 25.61 -8.31
N HIS A 240 5.38 24.87 -9.12
CA HIS A 240 4.67 25.53 -10.25
C HIS A 240 3.16 25.64 -10.04
N ASP A 241 2.61 25.61 -8.82
CA ASP A 241 1.16 25.71 -8.66
C ASP A 241 0.59 26.85 -9.53
N ARG A 242 1.24 28.02 -9.61
CA ARG A 242 0.59 29.20 -10.30
C ARG A 242 0.44 28.91 -11.81
N HIS A 243 1.19 27.97 -12.36
CA HIS A 243 1.14 27.67 -13.81
C HIS A 243 0.14 26.56 -14.14
N ALA A 244 -0.59 26.03 -13.16
CA ALA A 244 -1.47 24.88 -13.36
C ALA A 244 -2.83 25.38 -13.83
N ASP A 245 -3.38 24.74 -14.86
CA ASP A 245 -4.79 25.02 -15.19
C ASP A 245 -5.69 24.43 -14.10
N LEU A 246 -5.26 23.33 -13.52
CA LEU A 246 -6.06 22.66 -12.49
C LEU A 246 -5.13 22.16 -11.39
N ARG A 247 -5.50 22.38 -10.15
CA ARG A 247 -4.72 21.86 -9.02
C ARG A 247 -5.68 21.02 -8.18
N ILE A 248 -5.31 19.78 -7.92
CA ILE A 248 -6.16 18.91 -7.09
C ILE A 248 -5.40 18.55 -5.83
N HIS A 249 -5.93 18.96 -4.68
CA HIS A 249 -5.34 18.64 -3.37
C HIS A 249 -6.13 17.45 -2.80
N GLY A 250 -5.57 16.23 -2.95
CA GLY A 250 -6.17 14.97 -2.46
C GLY A 250 -5.20 13.81 -2.61
N TYR A 251 -5.46 12.70 -1.92
CA TYR A 251 -4.72 11.44 -2.13
C TYR A 251 -4.80 11.04 -3.62
N VAL A 252 -3.66 10.76 -4.26
CA VAL A 252 -3.58 10.37 -5.67
C VAL A 252 -4.38 9.13 -5.90
N ASP A 253 -4.35 8.17 -4.98
CA ASP A 253 -5.17 6.94 -5.14
C ASP A 253 -6.65 7.33 -5.25
N GLU A 254 -7.13 8.23 -4.41
CA GLU A 254 -8.56 8.62 -4.46
C GLU A 254 -8.87 9.31 -5.79
N VAL A 255 -7.96 10.19 -6.22
CA VAL A 255 -8.17 10.94 -7.48
C VAL A 255 -8.19 9.97 -8.67
N MET A 256 -7.23 9.07 -8.73
CA MET A 256 -7.10 8.21 -9.93
C MET A 256 -8.20 7.17 -9.93
N THR A 257 -8.62 6.66 -8.79
CA THR A 257 -9.77 5.70 -8.80
C THR A 257 -11.06 6.38 -9.29
N ARG A 258 -11.34 7.61 -8.85
CA ARG A 258 -12.50 8.40 -9.33
C ARG A 258 -12.35 8.70 -10.80
N LEU A 259 -11.13 8.97 -11.22
CA LEU A 259 -10.88 9.28 -12.65
C LEU A 259 -11.18 8.02 -13.49
N MET A 260 -10.63 6.86 -13.05
CA MET A 260 -10.80 5.64 -13.87
C MET A 260 -12.31 5.35 -14.05
N LYS A 261 -13.09 5.57 -13.00
CA LYS A 261 -14.54 5.32 -13.03
C LYS A 261 -15.21 6.27 -14.02
N HIS A 262 -14.85 7.53 -14.05
CA HIS A 262 -15.31 8.52 -15.07
C HIS A 262 -14.99 7.98 -16.47
N LEU A 263 -13.76 7.53 -16.70
CA LEU A 263 -13.27 7.05 -18.01
C LEU A 263 -13.86 5.68 -18.36
N GLY A 264 -14.58 5.03 -17.42
CA GLY A 264 -15.12 3.69 -17.57
C GLY A 264 -14.03 2.64 -17.71
N LEU A 265 -12.90 2.76 -17.00
CA LEU A 265 -11.79 1.80 -17.01
C LEU A 265 -11.71 1.10 -15.67
N GLU A 266 -11.52 -0.22 -15.70
CA GLU A 266 -11.08 -1.01 -14.52
C GLU A 266 -9.58 -0.81 -14.26
N ILE A 267 -9.25 -0.89 -13.00
CA ILE A 267 -7.83 -0.91 -12.54
C ILE A 267 -7.40 -2.38 -12.56
N PRO A 268 -6.40 -2.71 -13.39
CA PRO A 268 -5.94 -4.09 -13.55
C PRO A 268 -5.21 -4.70 -12.34
N ALA A 269 -5.28 -6.02 -12.28
CA ALA A 269 -4.67 -6.94 -11.29
C ALA A 269 -3.16 -6.94 -11.52
N TRP A 270 -2.38 -6.91 -10.45
CA TRP A 270 -0.91 -7.10 -10.49
C TRP A 270 -0.62 -8.58 -10.22
N ASP A 271 -0.04 -9.24 -11.21
CA ASP A 271 0.37 -10.67 -11.14
C ASP A 271 1.60 -10.82 -10.24
N GLY A 272 2.27 -9.73 -9.85
CA GLY A 272 3.56 -9.77 -9.15
C GLY A 272 4.57 -9.05 -10.06
N PRO A 273 5.84 -8.95 -9.65
CA PRO A 273 6.93 -8.23 -10.36
C PRO A 273 7.17 -8.75 -11.77
N ARG A 274 6.95 -7.92 -12.76
CA ARG A 274 7.11 -8.34 -14.18
C ARG A 274 7.76 -7.19 -14.90
N VAL A 275 8.54 -7.45 -15.92
CA VAL A 275 9.15 -6.39 -16.74
C VAL A 275 8.63 -6.51 -18.13
N LEU A 276 8.20 -5.39 -18.73
CA LEU A 276 7.74 -5.32 -20.12
C LEU A 276 8.63 -4.32 -20.82
N GLU A 277 9.56 -4.76 -21.65
CA GLU A 277 10.43 -3.78 -22.41
C GLU A 277 9.67 -2.87 -23.38
N ARG A 278 8.76 -3.46 -24.13
CA ARG A 278 8.03 -2.74 -25.20
C ARG A 278 6.54 -2.77 -24.97
N ALA A 279 5.95 -1.61 -25.15
CA ALA A 279 4.48 -1.45 -25.17
C ALA A 279 3.83 -2.41 -26.20
N LEU A 280 2.76 -3.02 -25.73
CA LEU A 280 1.87 -3.95 -26.45
C LEU A 280 0.97 -3.12 -27.36
N PRO A 281 0.35 -3.72 -28.38
CA PRO A 281 -0.68 -3.04 -29.18
C PRO A 281 -1.82 -2.62 -28.27
N PRO A 282 -2.33 -1.37 -28.49
CA PRO A 282 -3.44 -0.73 -27.78
C PRO A 282 -4.75 -1.49 -27.70
N LEU A 283 -5.27 -1.55 -26.48
CA LEU A 283 -6.52 -2.29 -26.28
C LEU A 283 -7.72 -1.37 -26.61
N PRO A 284 -8.95 -1.90 -26.67
CA PRO A 284 -10.15 -1.09 -26.90
C PRO A 284 -10.35 -0.17 -25.69
N ARG A 285 -10.93 0.99 -25.93
CA ARG A 285 -11.40 1.85 -24.81
C ARG A 285 -12.85 2.31 -24.99
N PRO A 286 -13.52 2.69 -23.86
CA PRO A 286 -14.90 3.19 -23.96
C PRO A 286 -14.93 4.34 -24.97
N PRO A 287 -16.05 4.54 -25.66
CA PRO A 287 -16.19 5.74 -26.51
C PRO A 287 -16.27 7.02 -25.68
N THR A 288 -15.93 8.17 -26.26
CA THR A 288 -15.87 9.50 -25.58
C THR A 288 -17.25 10.12 -25.31
N PRO A 289 -17.51 10.72 -24.13
CA PRO A 289 -18.69 11.60 -23.94
C PRO A 289 -18.76 12.82 -24.84
N LYS A 290 -19.99 13.25 -25.10
CA LYS A 290 -20.21 14.59 -25.70
C LYS A 290 -19.88 15.58 -24.60
N LEU A 291 -19.01 16.54 -24.85
CA LEU A 291 -18.55 17.42 -23.75
C LEU A 291 -19.22 18.81 -23.85
N GLU A 292 -19.09 19.53 -24.97
CA GLU A 292 -19.63 20.91 -25.13
C GLU A 292 -21.15 20.86 -25.33
N LYS B 9 -2.03 3.92 27.58
CA LYS B 9 -1.82 3.60 26.12
C LYS B 9 -0.60 2.67 25.94
N GLY B 10 -0.09 2.11 27.05
CA GLY B 10 0.99 1.11 27.12
C GLY B 10 2.26 1.55 26.42
N LYS B 11 3.23 0.65 26.31
CA LYS B 11 4.57 0.95 25.71
C LYS B 11 4.45 1.38 24.23
N CYS B 12 4.78 2.64 23.91
CA CYS B 12 4.80 3.17 22.52
C CYS B 12 6.25 3.30 22.03
N GLY B 13 6.45 3.11 20.72
CA GLY B 13 7.68 3.41 19.97
C GLY B 13 8.91 2.66 20.47
N LEU B 14 8.79 1.39 20.91
CA LEU B 14 9.95 0.49 21.17
C LEU B 14 10.76 0.31 19.88
N PRO B 15 12.03 -0.16 19.97
CA PRO B 15 12.83 -0.33 18.76
C PRO B 15 12.33 -1.52 17.91
N GLU B 16 12.48 -1.42 16.59
CA GLU B 16 12.15 -2.53 15.66
C GLU B 16 13.30 -3.55 15.61
N ILE B 17 12.92 -4.80 15.47
CA ILE B 17 13.83 -5.98 15.32
C ILE B 17 13.73 -6.46 13.87
N PHE B 18 14.87 -6.71 13.27
CA PHE B 18 14.98 -7.18 11.87
C PHE B 18 15.74 -8.51 11.81
N ASP B 19 15.02 -9.63 11.67
CA ASP B 19 15.71 -10.93 11.47
C ASP B 19 16.59 -10.77 10.22
N PRO B 20 17.88 -11.21 10.24
CA PRO B 20 18.67 -11.32 9.03
C PRO B 20 18.08 -12.36 8.08
N PRO B 21 18.31 -12.15 6.76
CA PRO B 21 17.59 -12.84 5.68
C PRO B 21 17.68 -14.36 5.77
N GLU B 22 18.83 -14.84 6.22
CA GLU B 22 19.06 -16.29 6.36
C GLU B 22 18.22 -16.83 7.53
N GLU B 23 18.22 -16.13 8.67
CA GLU B 23 17.34 -16.47 9.83
C GLU B 23 15.89 -16.31 9.35
N LEU B 24 15.51 -15.10 8.92
CA LEU B 24 14.16 -14.85 8.37
C LEU B 24 13.72 -16.02 7.49
N GLU B 25 14.55 -16.45 6.52
CA GLU B 25 14.20 -17.52 5.54
C GLU B 25 13.85 -18.80 6.29
N ARG B 26 14.65 -19.15 7.29
CA ARG B 26 14.47 -20.40 8.07
C ARG B 26 13.17 -20.29 8.88
N LYS B 27 12.87 -19.14 9.48
CA LYS B 27 11.68 -19.04 10.40
C LYS B 27 10.35 -19.14 9.60
N VAL B 28 10.31 -18.59 8.41
CA VAL B 28 9.09 -18.69 7.54
C VAL B 28 8.91 -20.13 7.10
N TRP B 29 10.00 -20.82 6.78
CA TRP B 29 9.89 -22.25 6.48
C TRP B 29 9.34 -23.00 7.70
N GLU B 30 9.83 -22.66 8.89
CA GLU B 30 9.36 -23.37 10.09
C GLU B 30 7.86 -23.04 10.26
N LEU B 31 7.43 -21.79 9.97
CA LEU B 31 5.99 -21.40 9.99
C LEU B 31 5.19 -22.22 8.97
N ALA B 32 5.68 -22.39 7.74
CA ALA B 32 4.99 -23.24 6.73
C ALA B 32 4.80 -24.67 7.29
N ARG B 33 5.83 -25.26 7.90
CA ARG B 33 5.73 -26.58 8.61
C ARG B 33 4.59 -26.51 9.64
N LEU B 34 4.57 -25.53 10.53
CA LEU B 34 3.56 -25.47 11.61
C LEU B 34 2.17 -25.46 10.99
N VAL B 35 1.95 -24.74 9.88
CA VAL B 35 0.63 -24.61 9.21
C VAL B 35 0.30 -25.98 8.59
N TRP B 36 1.26 -26.60 7.89
CA TRP B 36 1.04 -27.93 7.26
C TRP B 36 0.56 -28.92 8.35
N GLN B 37 1.14 -28.90 9.54
CA GLN B 37 0.92 -29.94 10.58
C GLN B 37 -0.33 -29.65 11.40
N SER B 38 -0.85 -28.42 11.40
CA SER B 38 -1.91 -28.05 12.35
C SER B 38 -3.27 -28.35 11.72
N SER B 39 -4.19 -28.84 12.55
CA SER B 39 -5.60 -29.15 12.20
C SER B 39 -6.44 -27.86 12.22
N SER B 40 -6.18 -26.94 13.14
CA SER B 40 -7.08 -25.77 13.34
C SER B 40 -6.25 -24.51 13.58
N VAL B 41 -6.23 -23.59 12.58
CA VAL B 41 -5.31 -22.42 12.56
C VAL B 41 -6.09 -21.10 12.70
N VAL B 42 -5.73 -20.30 13.70
CA VAL B 42 -6.36 -18.99 13.97
C VAL B 42 -5.26 -17.95 13.80
N PHE B 43 -5.60 -16.95 13.03
CA PHE B 43 -4.87 -15.71 12.87
C PHE B 43 -5.50 -14.63 13.72
N HIS B 44 -4.61 -13.86 14.36
CA HIS B 44 -4.91 -12.64 15.12
C HIS B 44 -4.26 -11.46 14.41
N THR B 45 -5.00 -10.43 14.11
CA THR B 45 -4.35 -9.31 13.33
C THR B 45 -4.55 -7.95 14.04
N GLY B 46 -3.58 -7.08 13.90
CA GLY B 46 -3.63 -5.75 14.49
C GLY B 46 -3.21 -4.69 13.50
N ALA B 47 -2.89 -3.50 13.97
CA ALA B 47 -2.61 -2.34 13.09
C ALA B 47 -1.43 -2.56 12.13
N GLY B 48 -0.44 -3.35 12.54
CA GLY B 48 0.74 -3.68 11.73
C GLY B 48 0.39 -4.21 10.35
N ILE B 49 -0.72 -4.93 10.20
CA ILE B 49 -1.04 -5.48 8.82
C ILE B 49 -1.64 -4.43 7.86
N SER B 50 -1.90 -3.21 8.25
CA SER B 50 -2.42 -2.10 7.41
C SER B 50 -1.42 -0.96 7.19
N THR B 51 -0.22 -1.04 7.78
CA THR B 51 0.76 0.09 7.64
C THR B 51 1.18 0.25 6.18
N ALA B 52 1.34 -0.84 5.44
CA ALA B 52 1.83 -0.81 4.03
C ALA B 52 0.71 -0.46 3.07
N SER B 53 -0.47 -0.16 3.61
CA SER B 53 -1.57 0.46 2.84
C SER B 53 -1.77 1.93 3.21
N GLY B 54 -0.83 2.54 3.97
CA GLY B 54 -0.88 4.00 4.23
C GLY B 54 -1.60 4.36 5.53
N ILE B 55 -2.05 3.37 6.30
CA ILE B 55 -2.81 3.57 7.60
C ILE B 55 -1.84 3.36 8.75
N PRO B 56 -1.66 4.38 9.60
CA PRO B 56 -0.70 4.24 10.69
C PRO B 56 -1.12 3.23 11.75
N ASP B 57 -0.14 2.66 12.46
CA ASP B 57 -0.38 1.82 13.66
C ASP B 57 -0.39 2.76 14.87
N PHE B 58 -0.57 2.20 16.06
CA PHE B 58 -0.76 2.94 17.34
C PHE B 58 0.58 3.14 18.03
N ARG B 59 1.37 2.07 18.21
CA ARG B 59 2.56 2.04 19.07
C ARG B 59 3.80 1.88 18.21
N GLY B 60 3.73 1.91 16.86
CA GLY B 60 4.93 1.91 16.01
C GLY B 60 5.77 3.19 16.19
N PRO B 61 6.98 3.19 15.60
CA PRO B 61 7.82 4.39 15.60
C PRO B 61 7.02 5.65 15.28
N HIS B 62 6.10 5.59 14.32
CA HIS B 62 5.32 6.74 13.79
C HIS B 62 3.85 6.50 14.09
N GLY B 63 3.59 5.66 15.10
CA GLY B 63 2.21 5.25 15.44
C GLY B 63 1.40 6.42 15.97
N VAL B 64 0.09 6.28 15.95
CA VAL B 64 -0.89 7.28 16.48
C VAL B 64 -0.45 7.70 17.91
N TRP B 65 -0.40 6.74 18.84
CA TRP B 65 -0.14 7.04 20.28
C TRP B 65 1.31 7.57 20.38
N THR B 66 2.28 6.88 19.75
CA THR B 66 3.73 7.23 19.77
C THR B 66 3.97 8.66 19.30
N MET B 67 3.22 9.15 18.31
CA MET B 67 3.43 10.51 17.78
C MET B 67 2.78 11.51 18.74
N GLU B 68 1.61 11.16 19.26
CA GLU B 68 0.92 11.90 20.36
C GLU B 68 1.93 12.20 21.50
N GLU B 69 2.51 11.15 22.12
CA GLU B 69 3.55 11.21 23.19
C GLU B 69 4.67 12.21 22.85
N ARG B 70 4.90 12.47 21.55
CA ARG B 70 6.01 13.32 21.04
C ARG B 70 5.46 14.68 20.60
N GLY B 71 4.16 14.91 20.80
CA GLY B 71 3.48 16.12 20.29
C GLY B 71 3.46 16.23 18.76
N LEU B 72 3.63 15.11 18.04
CA LEU B 72 3.61 15.07 16.56
C LEU B 72 2.27 14.48 16.17
N ALA B 73 1.88 14.53 14.88
CA ALA B 73 0.66 13.88 14.38
C ALA B 73 1.06 12.58 13.66
N PRO B 74 0.12 11.60 13.60
CA PRO B 74 0.28 10.44 12.73
C PRO B 74 -0.14 10.90 11.34
N LYS B 75 0.39 10.19 10.37
CA LYS B 75 0.22 10.50 8.95
C LYS B 75 -0.54 9.30 8.37
N PHE B 76 -1.65 9.60 7.73
CA PHE B 76 -2.35 8.82 6.69
C PHE B 76 -1.75 9.15 5.31
N ASP B 77 -1.49 8.10 4.51
CA ASP B 77 -1.12 8.17 3.07
C ASP B 77 -2.33 7.78 2.23
N THR B 78 -3.47 7.57 2.87
CA THR B 78 -4.76 7.19 2.21
C THR B 78 -5.92 7.58 3.13
N THR B 79 -7.17 7.65 2.62
CA THR B 79 -8.39 7.68 3.49
C THR B 79 -8.78 6.25 3.76
N PHE B 80 -9.70 6.04 4.69
CA PHE B 80 -10.18 4.67 4.97
C PHE B 80 -10.89 4.12 3.73
N GLU B 81 -11.65 4.97 3.06
CA GLU B 81 -12.42 4.60 1.86
C GLU B 81 -11.51 4.19 0.70
N SER B 82 -10.38 4.86 0.53
CA SER B 82 -9.43 4.65 -0.60
C SER B 82 -8.32 3.62 -0.31
N ALA B 83 -8.28 3.05 0.89
CA ALA B 83 -7.24 2.09 1.30
C ALA B 83 -7.54 0.79 0.55
N ARG B 84 -6.52 0.19 0.00
CA ARG B 84 -6.60 -1.17 -0.56
C ARG B 84 -6.08 -2.15 0.48
N PRO B 85 -6.63 -3.37 0.51
CA PRO B 85 -6.08 -4.50 1.27
C PRO B 85 -4.64 -4.74 0.84
N THR B 86 -3.82 -5.11 1.80
CA THR B 86 -2.42 -5.47 1.65
C THR B 86 -2.37 -6.88 1.05
N GLN B 87 -1.17 -7.27 0.68
CA GLN B 87 -0.77 -8.66 0.28
C GLN B 87 -1.20 -9.62 1.41
N THR B 88 -0.97 -9.21 2.66
CA THR B 88 -1.28 -10.01 3.88
C THR B 88 -2.79 -10.20 3.93
N HIS B 89 -3.56 -9.14 3.85
CA HIS B 89 -5.03 -9.22 3.79
C HIS B 89 -5.46 -10.30 2.79
N MET B 90 -4.99 -10.21 1.55
CA MET B 90 -5.41 -11.10 0.45
C MET B 90 -4.90 -12.51 0.64
N ALA B 91 -3.76 -12.75 1.28
CA ALA B 91 -3.23 -14.10 1.56
C ALA B 91 -4.18 -14.78 2.57
N LEU B 92 -4.73 -14.02 3.49
CA LEU B 92 -5.67 -14.52 4.55
C LEU B 92 -7.02 -14.87 3.90
N VAL B 93 -7.40 -14.12 2.85
CA VAL B 93 -8.60 -14.39 2.05
C VAL B 93 -8.34 -15.78 1.47
N GLN B 94 -7.21 -15.96 0.78
CA GLN B 94 -6.79 -17.25 0.18
C GLN B 94 -6.70 -18.41 1.16
N LEU B 95 -6.02 -18.20 2.30
CA LEU B 95 -5.81 -19.29 3.29
C LEU B 95 -7.17 -19.81 3.78
N GLU B 96 -8.13 -18.91 3.91
CA GLU B 96 -9.47 -19.31 4.40
C GLU B 96 -10.17 -20.04 3.25
N ARG B 97 -10.07 -19.54 2.02
CA ARG B 97 -10.81 -20.19 0.91
C ARG B 97 -10.20 -21.58 0.66
N VAL B 98 -8.97 -21.87 1.09
CA VAL B 98 -8.48 -23.24 0.86
C VAL B 98 -8.55 -24.03 2.17
N GLY B 99 -9.26 -23.54 3.19
CA GLY B 99 -9.54 -24.39 4.36
C GLY B 99 -8.34 -24.45 5.29
N LEU B 100 -7.29 -23.67 5.04
CA LEU B 100 -6.06 -23.61 5.91
C LEU B 100 -6.17 -22.66 7.12
N LEU B 101 -7.17 -21.78 7.10
CA LEU B 101 -7.44 -20.78 8.15
C LEU B 101 -8.81 -21.08 8.75
N ARG B 102 -8.85 -21.50 10.00
CA ARG B 102 -10.12 -21.80 10.70
C ARG B 102 -10.89 -20.53 11.10
N PHE B 103 -10.21 -19.55 11.66
CA PHE B 103 -10.89 -18.32 12.12
C PHE B 103 -9.91 -17.15 12.12
N LEU B 104 -10.42 -15.94 12.04
CA LEU B 104 -9.62 -14.69 12.00
C LEU B 104 -10.11 -13.75 13.10
N VAL B 105 -9.22 -13.35 13.99
CA VAL B 105 -9.55 -12.41 15.10
C VAL B 105 -8.81 -11.10 14.85
N SER B 106 -9.53 -10.01 14.69
CA SER B 106 -8.86 -8.72 14.39
C SER B 106 -9.25 -7.63 15.38
N GLN B 107 -8.27 -6.81 15.72
CA GLN B 107 -8.38 -5.66 16.60
C GLN B 107 -8.57 -4.45 15.70
N ASN B 108 -8.59 -4.65 14.38
CA ASN B 108 -8.55 -3.50 13.43
C ASN B 108 -9.93 -2.97 13.13
N VAL B 109 -10.04 -1.65 13.17
CA VAL B 109 -11.28 -0.92 12.90
C VAL B 109 -11.29 -0.44 11.46
N ASP B 110 -10.19 -0.59 10.70
CA ASP B 110 -9.97 -0.01 9.32
C ASP B 110 -10.97 -0.59 8.29
N GLY B 111 -11.78 -1.62 8.62
CA GLY B 111 -12.70 -2.24 7.67
C GLY B 111 -12.09 -3.01 6.48
N LEU B 112 -10.82 -3.32 6.44
CA LEU B 112 -10.11 -3.88 5.28
C LEU B 112 -10.32 -5.39 5.21
N HIS B 113 -10.40 -6.11 6.33
CA HIS B 113 -10.76 -7.55 6.31
C HIS B 113 -12.06 -7.72 5.52
N VAL B 114 -13.15 -7.10 5.91
CA VAL B 114 -14.48 -7.18 5.23
C VAL B 114 -14.33 -6.73 3.78
N ARG B 115 -13.74 -5.57 3.58
CA ARG B 115 -13.64 -5.02 2.19
C ARG B 115 -12.86 -5.91 1.24
N SER B 116 -11.97 -6.73 1.78
CA SER B 116 -11.04 -7.65 1.07
C SER B 116 -11.86 -8.84 0.51
N GLY B 117 -13.06 -9.08 1.05
CA GLY B 117 -13.99 -10.16 0.72
C GLY B 117 -13.98 -11.23 1.79
N PHE B 118 -13.34 -11.03 2.94
CA PHE B 118 -13.12 -12.14 3.87
C PHE B 118 -14.49 -12.44 4.45
N PRO B 119 -14.88 -13.73 4.59
CA PRO B 119 -16.16 -14.08 5.18
C PRO B 119 -16.36 -13.64 6.63
N ARG B 120 -17.43 -12.89 6.82
CA ARG B 120 -17.78 -12.25 8.12
C ARG B 120 -18.06 -13.35 9.19
N ASP B 121 -18.63 -14.48 8.78
CA ASP B 121 -18.91 -15.59 9.74
C ASP B 121 -17.57 -16.26 10.15
N LYS B 122 -16.43 -15.93 9.54
CA LYS B 122 -15.14 -16.43 10.06
C LYS B 122 -14.28 -15.31 10.70
N LEU B 123 -14.85 -14.15 10.91
CA LEU B 123 -14.13 -13.00 11.45
C LEU B 123 -14.71 -12.54 12.81
N ALA B 124 -13.87 -12.25 13.79
CA ALA B 124 -14.20 -11.40 14.95
C ALA B 124 -13.56 -10.05 14.75
N GLU B 125 -14.36 -8.99 14.71
CA GLU B 125 -13.88 -7.60 14.77
C GLU B 125 -14.12 -7.09 16.20
N LEU B 126 -13.12 -7.27 17.05
CA LEU B 126 -13.27 -7.04 18.50
C LEU B 126 -13.40 -5.57 18.86
N HIS B 127 -12.83 -4.62 18.10
CA HIS B 127 -12.82 -3.18 18.45
C HIS B 127 -13.84 -2.43 17.55
N GLY B 128 -14.53 -3.15 16.65
CA GLY B 128 -15.54 -2.63 15.69
C GLY B 128 -14.97 -2.39 14.30
N ASN B 129 -15.70 -1.66 13.50
CA ASN B 129 -15.41 -1.42 12.07
C ASN B 129 -16.01 -0.08 11.75
N MET B 130 -15.19 0.79 11.20
CA MET B 130 -15.50 2.16 10.84
C MET B 130 -16.63 2.24 9.86
N PHE B 131 -16.83 1.22 9.02
CA PHE B 131 -17.86 1.17 7.96
C PHE B 131 -19.18 0.52 8.43
N VAL B 132 -19.21 -0.05 9.64
CA VAL B 132 -20.38 -0.83 10.14
C VAL B 132 -21.11 -0.03 11.24
N GLU B 133 -22.42 0.10 11.08
CA GLU B 133 -23.32 0.70 12.08
C GLU B 133 -24.36 -0.37 12.44
N GLU B 134 -24.80 -0.39 13.69
CA GLU B 134 -25.72 -1.43 14.17
C GLU B 134 -26.98 -0.80 14.77
N CYS B 135 -28.14 -1.34 14.46
CA CYS B 135 -29.41 -0.83 15.02
C CYS B 135 -29.52 -1.19 16.50
N ALA B 136 -29.62 -0.17 17.35
CA ALA B 136 -29.78 -0.28 18.82
C ALA B 136 -30.96 -1.18 19.19
N LYS B 137 -32.00 -1.26 18.34
CA LYS B 137 -33.23 -2.01 18.67
C LYS B 137 -33.08 -3.45 18.26
N CYS B 138 -32.90 -3.75 16.98
CA CYS B 138 -32.99 -5.12 16.43
C CYS B 138 -31.60 -5.73 16.28
N LYS B 139 -30.54 -4.95 16.58
CA LYS B 139 -29.10 -5.35 16.45
C LYS B 139 -28.71 -5.67 15.01
N THR B 140 -29.55 -5.40 14.01
CA THR B 140 -29.13 -5.55 12.60
C THR B 140 -27.89 -4.67 12.30
N GLN B 141 -26.87 -5.21 11.65
CA GLN B 141 -25.67 -4.46 11.18
C GLN B 141 -25.76 -4.14 9.70
N TYR B 142 -25.13 -3.04 9.34
CA TYR B 142 -25.11 -2.55 7.96
C TYR B 142 -23.65 -2.31 7.68
N VAL B 143 -23.13 -2.95 6.64
CA VAL B 143 -21.78 -2.63 6.16
C VAL B 143 -21.98 -1.59 5.09
N ARG B 144 -21.42 -0.39 5.31
CA ARG B 144 -21.54 0.79 4.45
C ARG B 144 -20.30 0.94 3.53
N ASP B 145 -20.43 1.72 2.43
CA ASP B 145 -19.32 1.97 1.48
C ASP B 145 -18.43 3.14 1.91
N THR B 146 -18.86 3.96 2.90
CA THR B 146 -18.10 5.05 3.53
C THR B 146 -18.11 4.79 5.05
N VAL B 147 -17.15 5.38 5.78
CA VAL B 147 -17.01 5.24 7.25
C VAL B 147 -18.27 5.81 7.92
N VAL B 148 -18.76 5.16 8.95
CA VAL B 148 -19.87 5.72 9.77
C VAL B 148 -19.28 6.92 10.52
N GLY B 149 -19.92 8.08 10.41
CA GLY B 149 -19.33 9.38 10.82
C GLY B 149 -18.97 9.54 12.29
N THR B 150 -19.34 8.60 13.19
CA THR B 150 -19.16 8.71 14.68
C THR B 150 -18.18 7.64 15.18
N MET B 151 -17.71 7.79 16.42
CA MET B 151 -17.01 6.71 17.18
C MET B 151 -17.57 6.68 18.59
N GLY B 152 -17.28 5.64 19.36
CA GLY B 152 -17.74 5.56 20.76
C GLY B 152 -19.18 5.10 20.91
N LEU B 153 -19.74 4.45 19.87
CA LEU B 153 -21.08 3.81 19.83
C LEU B 153 -22.19 4.87 19.89
N LYS B 154 -21.98 6.01 19.24
CA LYS B 154 -22.95 7.14 19.20
C LYS B 154 -23.97 6.98 18.08
N ALA B 155 -25.10 7.67 18.18
CA ALA B 155 -26.11 7.74 17.10
C ALA B 155 -25.50 8.34 15.84
N THR B 156 -25.68 7.67 14.70
CA THR B 156 -25.09 8.11 13.41
C THR B 156 -26.07 9.08 12.76
N GLY B 157 -27.35 9.04 13.18
CA GLY B 157 -28.45 9.84 12.63
C GLY B 157 -29.21 9.09 11.54
N ARG B 158 -28.90 7.82 11.27
CA ARG B 158 -29.69 7.02 10.28
C ARG B 158 -30.58 6.06 11.05
N LEU B 159 -31.68 5.63 10.45
CA LEU B 159 -32.61 4.67 11.12
C LEU B 159 -32.57 3.32 10.43
N CYS B 160 -33.02 2.28 11.14
CA CYS B 160 -33.06 0.87 10.68
C CYS B 160 -34.20 0.75 9.65
N THR B 161 -33.99 0.01 8.58
CA THR B 161 -34.89 -0.18 7.44
C THR B 161 -35.27 -1.65 7.37
N VAL B 162 -35.06 -2.45 8.42
CA VAL B 162 -35.40 -3.92 8.44
C VAL B 162 -36.92 -4.05 8.39
N ALA B 163 -37.42 -5.01 7.58
CA ALA B 163 -38.81 -5.27 7.13
C ALA B 163 -39.85 -4.63 8.07
N CYS B 171 -38.76 -1.07 11.21
CA CYS B 171 -38.21 -1.16 12.59
C CYS B 171 -37.83 0.23 13.11
N ARG B 172 -37.18 1.00 12.25
CA ARG B 172 -36.79 2.42 12.46
C ARG B 172 -35.99 2.60 13.76
N GLY B 173 -35.26 1.59 14.20
CA GLY B 173 -34.25 1.77 15.27
C GLY B 173 -33.24 2.87 14.93
N GLU B 174 -32.57 3.37 15.98
CA GLU B 174 -31.42 4.29 15.90
C GLU B 174 -30.17 3.47 15.50
N LEU B 175 -29.50 3.82 14.38
CA LEU B 175 -28.21 3.19 14.02
C LEU B 175 -27.12 3.87 14.83
N ARG B 176 -26.20 3.06 15.33
CA ARG B 176 -25.05 3.58 16.07
C ARG B 176 -23.77 2.99 15.49
N ASP B 177 -22.64 3.62 15.76
CA ASP B 177 -21.33 3.08 15.29
C ASP B 177 -20.94 1.89 16.16
N THR B 178 -19.96 1.12 15.70
CA THR B 178 -19.46 -0.08 16.39
C THR B 178 -18.09 0.20 17.00
N ILE B 179 -17.63 1.43 16.95
CA ILE B 179 -16.26 1.74 17.40
C ILE B 179 -16.26 1.87 18.92
N LEU B 180 -15.61 0.93 19.58
CA LEU B 180 -15.56 0.94 21.06
C LEU B 180 -14.71 2.11 21.50
N ASP B 181 -15.16 2.82 22.52
CA ASP B 181 -14.34 3.77 23.33
C ASP B 181 -13.57 2.95 24.37
N TRP B 182 -12.60 3.59 25.06
CA TRP B 182 -11.71 2.96 26.07
C TRP B 182 -12.54 2.16 27.08
N GLU B 183 -13.63 2.72 27.58
CA GLU B 183 -14.41 2.13 28.69
C GLU B 183 -15.21 0.91 28.26
N ASP B 184 -15.53 0.76 26.96
CA ASP B 184 -16.58 -0.16 26.44
C ASP B 184 -16.18 -1.64 26.47
N SER B 185 -17.15 -2.49 26.82
CA SER B 185 -17.00 -3.96 26.76
C SER B 185 -17.05 -4.35 25.29
N LEU B 186 -16.12 -5.24 24.93
CA LEU B 186 -16.00 -5.85 23.59
C LEU B 186 -17.34 -6.51 23.28
N PRO B 187 -17.67 -6.68 21.98
CA PRO B 187 -18.94 -7.30 21.58
C PRO B 187 -18.92 -8.78 21.95
N ASP B 188 -19.91 -9.20 22.76
CA ASP B 188 -20.04 -10.58 23.30
C ASP B 188 -19.91 -11.64 22.20
N ARG B 189 -20.63 -11.48 21.10
CA ARG B 189 -20.67 -12.52 20.04
C ARG B 189 -19.28 -12.64 19.41
N ASP B 190 -18.67 -11.52 19.00
CA ASP B 190 -17.31 -11.59 18.39
C ASP B 190 -16.32 -12.13 19.43
N LEU B 191 -16.43 -11.70 20.68
CA LEU B 191 -15.48 -12.10 21.75
C LEU B 191 -15.65 -13.59 22.02
N ALA B 192 -16.88 -14.07 22.16
CA ALA B 192 -17.17 -15.48 22.47
C ALA B 192 -16.59 -16.35 21.36
N LEU B 193 -16.75 -15.92 20.10
CA LEU B 193 -16.36 -16.77 18.95
C LEU B 193 -14.84 -16.71 18.85
N ALA B 194 -14.29 -15.54 19.11
CA ALA B 194 -12.84 -15.29 19.18
C ALA B 194 -12.24 -16.20 20.25
N ASP B 195 -12.88 -16.21 21.42
CA ASP B 195 -12.43 -17.08 22.55
C ASP B 195 -12.52 -18.54 22.13
N GLU B 196 -13.69 -18.97 21.66
CA GLU B 196 -13.92 -20.40 21.36
C GLU B 196 -12.84 -20.80 20.36
N ALA B 197 -12.71 -20.05 19.27
CA ALA B 197 -11.69 -20.39 18.24
C ALA B 197 -10.31 -20.50 18.87
N SER B 198 -9.90 -19.53 19.69
CA SER B 198 -8.50 -19.47 20.23
C SER B 198 -8.23 -20.67 21.14
N ARG B 199 -9.22 -21.05 21.95
CA ARG B 199 -9.02 -22.17 22.90
C ARG B 199 -8.80 -23.46 22.13
N ASN B 200 -9.42 -23.61 20.96
CA ASN B 200 -9.53 -24.92 20.27
C ASN B 200 -8.52 -25.05 19.16
N ALA B 201 -7.87 -23.97 18.78
CA ALA B 201 -6.84 -23.99 17.73
C ALA B 201 -5.62 -24.77 18.20
N ASP B 202 -4.92 -25.46 17.31
CA ASP B 202 -3.55 -26.03 17.62
C ASP B 202 -2.45 -25.07 17.13
N LEU B 203 -2.84 -24.00 16.44
CA LEU B 203 -1.86 -22.98 16.00
C LEU B 203 -2.53 -21.62 16.00
N SER B 204 -1.97 -20.67 16.75
CA SER B 204 -2.36 -19.25 16.70
C SER B 204 -1.18 -18.44 16.16
N ILE B 205 -1.45 -17.63 15.14
CA ILE B 205 -0.40 -16.80 14.46
C ILE B 205 -0.83 -15.36 14.62
N THR B 206 0.05 -14.55 15.26
CA THR B 206 -0.21 -13.12 15.41
C THR B 206 0.59 -12.37 14.34
N LEU B 207 -0.06 -11.39 13.72
CA LEU B 207 0.50 -10.58 12.60
C LEU B 207 0.32 -9.10 12.94
N GLY B 208 1.42 -8.38 13.19
CA GLY B 208 1.37 -6.91 13.34
C GLY B 208 0.44 -6.49 14.49
N THR B 209 0.52 -7.19 15.64
CA THR B 209 -0.05 -6.71 16.95
C THR B 209 1.04 -6.69 18.06
N SER B 210 1.02 -5.62 18.88
CA SER B 210 1.81 -5.45 20.13
C SER B 210 1.24 -6.39 21.19
N LEU B 211 -0.01 -6.85 21.05
CA LEU B 211 -0.70 -7.77 22.03
C LEU B 211 -0.81 -7.13 23.43
N GLN B 212 -0.80 -5.80 23.51
CA GLN B 212 -0.80 -5.03 24.78
C GLN B 212 -2.22 -4.81 25.31
N ILE B 213 -3.29 -5.13 24.55
CA ILE B 213 -4.68 -4.81 25.00
C ILE B 213 -5.35 -6.09 25.54
N ARG B 214 -5.82 -6.06 26.79
CA ARG B 214 -6.74 -7.06 27.41
C ARG B 214 -8.10 -6.82 26.84
N PRO B 215 -8.91 -7.84 26.52
CA PRO B 215 -8.45 -9.23 26.41
C PRO B 215 -7.92 -9.66 25.03
N SER B 216 -8.19 -8.84 24.04
CA SER B 216 -7.76 -9.08 22.62
C SER B 216 -6.35 -9.71 22.56
N GLY B 217 -5.36 -9.07 23.20
CA GLY B 217 -3.92 -9.44 23.20
C GLY B 217 -3.65 -10.78 23.86
N ASN B 218 -4.58 -11.25 24.72
CA ASN B 218 -4.43 -12.45 25.57
C ASN B 218 -5.09 -13.65 24.86
N LEU B 219 -5.99 -13.45 23.91
CA LEU B 219 -6.62 -14.59 23.19
C LEU B 219 -5.58 -15.55 22.62
N PRO B 220 -4.51 -15.11 21.88
CA PRO B 220 -3.51 -16.02 21.38
C PRO B 220 -2.91 -16.99 22.43
N LEU B 221 -2.78 -16.52 23.67
CA LEU B 221 -2.21 -17.34 24.78
C LEU B 221 -3.09 -18.54 25.13
N ALA B 222 -4.40 -18.47 24.87
CA ALA B 222 -5.36 -19.53 25.23
C ALA B 222 -5.10 -20.74 24.35
N THR B 223 -4.60 -20.53 23.12
CA THR B 223 -4.13 -21.61 22.21
C THR B 223 -3.01 -22.43 22.90
N LYS B 224 -2.01 -21.77 23.50
CA LYS B 224 -0.94 -22.39 24.32
C LYS B 224 -1.49 -23.39 25.37
N ARG B 225 -2.72 -23.24 25.89
CA ARG B 225 -3.31 -24.26 26.81
C ARG B 225 -3.70 -25.52 26.02
N ARG B 226 -3.38 -26.70 26.55
CA ARG B 226 -3.60 -28.02 25.91
C ARG B 226 -2.63 -28.15 24.73
N GLY B 227 -1.50 -27.45 24.77
CA GLY B 227 -0.31 -27.85 23.98
C GLY B 227 -0.30 -27.25 22.59
N GLY B 228 -1.19 -26.30 22.33
CA GLY B 228 -1.21 -25.53 21.09
C GLY B 228 0.06 -24.74 20.93
N ARG B 229 0.49 -24.51 19.66
CA ARG B 229 1.63 -23.65 19.29
C ARG B 229 1.18 -22.18 19.07
N LEU B 230 2.13 -21.25 19.22
CA LEU B 230 1.89 -19.80 19.08
C LEU B 230 3.08 -19.21 18.29
N VAL B 231 2.72 -18.51 17.22
CA VAL B 231 3.74 -17.80 16.39
C VAL B 231 3.40 -16.33 16.49
N ILE B 232 4.39 -15.49 16.78
CA ILE B 232 4.25 -14.02 16.78
C ILE B 232 4.98 -13.40 15.58
N VAL B 233 4.31 -12.57 14.77
CA VAL B 233 4.95 -11.84 13.61
C VAL B 233 4.76 -10.33 13.82
N ASN B 234 5.86 -9.66 14.07
CA ASN B 234 5.85 -8.29 14.58
C ASN B 234 7.26 -7.74 14.41
N LEU B 235 7.34 -6.46 14.04
CA LEU B 235 8.62 -5.69 14.04
C LEU B 235 9.09 -5.34 15.47
N GLN B 236 8.20 -4.92 16.36
CA GLN B 236 8.58 -4.57 17.74
C GLN B 236 8.48 -5.83 18.58
N PRO B 237 9.08 -5.78 19.80
CA PRO B 237 8.77 -6.76 20.84
C PRO B 237 7.28 -6.60 21.18
N THR B 238 6.66 -7.69 21.63
CA THR B 238 5.24 -7.75 22.02
C THR B 238 5.14 -8.27 23.46
N LYS B 239 4.05 -7.95 24.14
CA LYS B 239 3.81 -8.35 25.55
C LYS B 239 4.19 -9.82 25.77
N HIS B 240 3.98 -10.73 24.81
CA HIS B 240 3.98 -12.20 25.04
C HIS B 240 5.08 -12.89 24.23
N ASP B 241 6.17 -12.21 23.88
CA ASP B 241 7.30 -12.85 23.15
C ASP B 241 7.79 -14.13 23.84
N ARG B 242 7.83 -14.12 25.18
CA ARG B 242 8.35 -15.26 26.00
C ARG B 242 7.43 -16.47 25.82
N HIS B 243 6.14 -16.33 25.48
CA HIS B 243 5.24 -17.51 25.35
C HIS B 243 5.26 -18.12 23.94
N ALA B 244 5.88 -17.46 22.95
CA ALA B 244 5.79 -17.84 21.51
C ALA B 244 6.72 -19.00 21.20
N ASP B 245 6.28 -19.96 20.40
CA ASP B 245 7.18 -21.03 19.92
C ASP B 245 8.13 -20.52 18.83
N LEU B 246 7.70 -19.44 18.17
CA LEU B 246 8.43 -18.84 17.04
C LEU B 246 8.12 -17.35 16.99
N ARG B 247 9.15 -16.51 16.93
CA ARG B 247 8.97 -15.06 16.80
C ARG B 247 9.59 -14.67 15.46
N ILE B 248 8.86 -13.95 14.63
CA ILE B 248 9.44 -13.56 13.32
C ILE B 248 9.46 -12.05 13.26
N HIS B 249 10.67 -11.51 13.21
CA HIS B 249 10.90 -10.07 13.13
C HIS B 249 11.11 -9.75 11.63
N GLY B 250 10.06 -9.21 11.01
CA GLY B 250 10.10 -8.75 9.60
C GLY B 250 8.76 -8.17 9.22
N TYR B 251 8.71 -7.46 8.08
CA TYR B 251 7.47 -7.00 7.45
C TYR B 251 6.55 -8.19 7.20
N VAL B 252 5.32 -8.09 7.71
CA VAL B 252 4.32 -9.15 7.57
C VAL B 252 4.10 -9.40 6.07
N ASP B 253 4.07 -8.38 5.22
CA ASP B 253 3.87 -8.64 3.78
C ASP B 253 4.93 -9.60 3.25
N GLU B 254 6.18 -9.39 3.60
CA GLU B 254 7.30 -10.25 3.15
C GLU B 254 7.15 -11.67 3.73
N VAL B 255 6.75 -11.77 4.98
CA VAL B 255 6.63 -13.09 5.66
C VAL B 255 5.50 -13.86 4.99
N MET B 256 4.33 -13.27 4.93
CA MET B 256 3.17 -13.94 4.28
C MET B 256 3.41 -14.19 2.78
N THR B 257 4.17 -13.35 2.06
CA THR B 257 4.44 -13.66 0.61
C THR B 257 5.31 -14.93 0.47
N ARG B 258 6.32 -15.14 1.31
CA ARG B 258 7.21 -16.30 1.33
C ARG B 258 6.43 -17.46 1.84
N LEU B 259 5.54 -17.23 2.83
CA LEU B 259 4.72 -18.36 3.30
C LEU B 259 3.83 -18.90 2.16
N MET B 260 3.18 -18.04 1.40
CA MET B 260 2.22 -18.46 0.36
C MET B 260 2.97 -19.23 -0.75
N LYS B 261 4.14 -18.75 -1.10
CA LYS B 261 5.06 -19.47 -2.01
C LYS B 261 5.37 -20.85 -1.42
N HIS B 262 5.70 -21.00 -0.15
CA HIS B 262 5.99 -22.32 0.45
C HIS B 262 4.75 -23.21 0.34
N LEU B 263 3.58 -22.66 0.51
CA LEU B 263 2.32 -23.44 0.57
C LEU B 263 1.83 -23.66 -0.87
N GLY B 264 2.41 -22.99 -1.87
CA GLY B 264 2.02 -23.27 -3.26
C GLY B 264 0.77 -22.47 -3.63
N LEU B 265 0.44 -21.42 -2.88
CA LEU B 265 -0.80 -20.66 -3.09
C LEU B 265 -0.48 -19.35 -3.79
N GLU B 266 -1.38 -18.92 -4.68
CA GLU B 266 -1.50 -17.56 -5.26
C GLU B 266 -2.17 -16.61 -4.25
N ILE B 267 -1.68 -15.39 -4.20
CA ILE B 267 -2.38 -14.23 -3.58
C ILE B 267 -3.34 -13.67 -4.64
N PRO B 268 -4.63 -13.80 -4.35
CA PRO B 268 -5.70 -13.40 -5.28
C PRO B 268 -5.85 -11.87 -5.41
N ALA B 269 -6.36 -11.55 -6.59
CA ALA B 269 -6.76 -10.21 -7.05
C ALA B 269 -7.88 -9.70 -6.14
N TRP B 270 -7.77 -8.47 -5.70
CA TRP B 270 -8.89 -7.66 -5.10
C TRP B 270 -9.74 -7.00 -6.22
N ASP B 271 -11.01 -7.40 -6.34
CA ASP B 271 -11.95 -6.85 -7.37
C ASP B 271 -12.40 -5.47 -6.91
N GLY B 272 -12.11 -5.07 -5.66
CA GLY B 272 -12.58 -3.81 -5.06
C GLY B 272 -13.43 -4.15 -3.83
N PRO B 273 -14.03 -3.17 -3.11
CA PRO B 273 -14.67 -3.44 -1.83
C PRO B 273 -15.87 -4.36 -2.05
N ARG B 274 -15.87 -5.47 -1.34
CA ARG B 274 -16.95 -6.48 -1.43
C ARG B 274 -17.21 -7.00 -0.03
N VAL B 275 -18.43 -7.43 0.25
CA VAL B 275 -18.80 -7.93 1.60
C VAL B 275 -19.29 -9.34 1.37
N LEU B 276 -18.63 -10.32 2.00
CA LEU B 276 -19.09 -11.70 2.02
C LEU B 276 -19.58 -12.07 3.41
N GLU B 277 -20.87 -12.34 3.55
CA GLU B 277 -21.44 -12.62 4.89
C GLU B 277 -21.05 -14.01 5.29
N ARG B 278 -21.00 -14.96 4.33
CA ARG B 278 -20.79 -16.37 4.72
C ARG B 278 -19.70 -17.03 3.90
N ALA B 279 -18.86 -17.74 4.62
CA ALA B 279 -17.78 -18.59 4.08
C ALA B 279 -18.35 -19.48 2.96
N LEU B 280 -17.68 -19.43 1.79
CA LEU B 280 -18.03 -20.30 0.64
C LEU B 280 -17.43 -21.68 0.91
N PRO B 281 -17.94 -22.74 0.26
CA PRO B 281 -17.35 -24.06 0.37
C PRO B 281 -15.87 -24.04 -0.05
N PRO B 282 -15.02 -24.81 0.67
CA PRO B 282 -13.57 -24.91 0.47
C PRO B 282 -13.05 -25.21 -0.96
N LEU B 283 -12.04 -24.49 -1.39
CA LEU B 283 -11.47 -24.80 -2.75
C LEU B 283 -10.40 -25.85 -2.58
N PRO B 284 -9.93 -26.48 -3.68
CA PRO B 284 -8.79 -27.41 -3.60
C PRO B 284 -7.48 -26.76 -3.14
N ARG B 285 -6.58 -27.54 -2.49
CA ARG B 285 -5.27 -26.97 -2.03
C ARG B 285 -4.16 -27.92 -2.47
N PRO B 286 -2.88 -27.45 -2.56
CA PRO B 286 -1.78 -28.31 -2.98
C PRO B 286 -1.61 -29.42 -1.95
N PRO B 287 -1.13 -30.58 -2.39
CA PRO B 287 -0.95 -31.65 -1.44
C PRO B 287 0.22 -31.30 -0.51
N THR B 288 0.27 -31.94 0.64
CA THR B 288 1.20 -31.58 1.75
C THR B 288 2.55 -32.26 1.59
N PRO B 289 3.68 -31.57 1.90
CA PRO B 289 5.00 -32.18 1.98
C PRO B 289 5.17 -33.24 3.06
N LYS B 290 6.03 -34.19 2.76
CA LYS B 290 6.60 -35.09 3.81
C LYS B 290 7.44 -34.19 4.68
N LEU B 291 7.18 -34.16 5.98
CA LEU B 291 7.85 -33.19 6.89
C LEU B 291 8.91 -33.93 7.73
N GLU B 292 8.50 -34.95 8.48
CA GLU B 292 9.46 -35.80 9.25
C GLU B 292 9.73 -37.09 8.46
N1 AR6 C . -1.33 11.70 -2.62
C2 AR6 C . -0.94 12.88 -3.12
N3 AR6 C . 0.16 13.58 -2.85
C4 AR6 C . 0.93 12.91 -1.99
C5 AR6 C . 0.68 11.68 -1.42
C6 AR6 C . -0.53 11.03 -1.75
N6 AR6 C . -0.89 9.83 -1.27
N7 AR6 C . 1.74 11.31 -0.62
C8 AR6 C . 2.62 12.25 -0.79
N9 AR6 C . 2.17 13.28 -1.56
PA AR6 C . 8.73 15.09 -2.92
PB AR6 C . 9.68 14.26 -5.59
C1' AR6 C . 2.91 14.48 -2.04
O1A AR6 C . 9.45 16.36 -3.15
O1B AR6 C . 9.36 13.01 -6.31
C1D AR6 C . 14.55 14.08 -4.11
O1D AR6 C . 15.82 14.56 -3.81
C2' AR6 C . 3.62 15.29 -0.98
O2' AR6 C . 2.71 16.21 -0.48
O2A AR6 C . 8.70 14.41 -1.60
O2B AR6 C . 8.95 15.50 -6.01
C2D AR6 C . 14.64 12.73 -4.87
O2D AR6 C . 15.73 12.68 -5.75
C3' AR6 C . 4.86 15.86 -1.67
O3' AR6 C . 4.53 17.19 -1.97
O3A AR6 C . 9.28 13.98 -3.99
C3D AR6 C . 13.40 12.70 -5.75
O3D AR6 C . 13.58 11.93 -6.95
C4' AR6 C . 4.94 15.03 -2.95
O4' AR6 C . 3.92 14.02 -2.88
C4D AR6 C . 13.29 14.18 -6.09
O4D AR6 C . 13.82 14.94 -4.97
C5' AR6 C . 6.25 14.33 -3.10
O5' AR6 C . 7.26 15.34 -3.35
C5D AR6 C . 11.93 14.67 -6.48
O5D AR6 C . 11.14 14.51 -5.27
ZN ZN D . 28.37 -5.00 -21.45
C17 8L9 E . 21.40 8.74 1.57
C18 8L9 E . 20.23 9.49 1.41
C20 8L9 E . 18.97 8.89 1.58
C22 8L9 E . 18.85 7.55 1.98
C23 8L9 E . 20.06 6.80 2.12
C24 8L9 E . 21.30 7.41 1.94
C26 8L9 E . 20.11 5.31 2.54
C01 8L9 E . 28.08 10.31 0.63
C03 8L9 E . 27.33 9.79 1.69
C04 8L9 E . 25.97 9.54 1.50
C06 8L9 E . 25.38 9.83 0.26
C07 8L9 E . 26.14 10.35 -0.79
C09 8L9 E . 27.50 10.59 -0.60
CL1 8L9 E . 28.52 11.25 -1.91
CL2 8L9 E . 28.21 9.46 3.23
S12 8L9 E . 23.61 9.54 -0.06
N13 8L9 E . 22.71 9.35 1.41
O15 8L9 E . 23.16 10.64 -0.93
O16 8L9 E . 23.42 8.38 -0.93
O27 8L9 E . 19.76 4.35 1.81
O29 8L9 E . 20.55 5.05 3.68
S30 8L9 E . 17.17 6.75 2.19
O31 8L9 E . 17.06 5.74 3.25
O32 8L9 E . 15.95 7.48 2.39
N33 8L9 E . 17.18 6.13 0.63
C35 8L9 E . 16.06 6.14 -0.25
C36 8L9 E . 14.81 6.61 0.14
C38 8L9 E . 13.80 6.54 -0.83
C39 8L9 E . 14.04 6.00 -2.09
C40 8L9 E . 15.30 5.54 -2.43
C42 8L9 E . 16.31 5.61 -1.50
C43 8L9 E . 17.68 5.08 -1.92
F1 8L9 E . 13.00 5.90 -3.00
BR1 8L9 E . 11.95 7.13 -0.51
S SO4 F . -26.06 16.57 -30.48
O1 SO4 F . -25.18 17.52 -29.89
O2 SO4 F . -26.82 17.22 -31.54
O3 SO4 F . -26.92 16.08 -29.44
O4 SO4 F . -25.26 15.45 -31.05
S SO4 G . -6.88 25.90 -5.91
O1 SO4 G . -7.04 27.29 -5.55
O2 SO4 G . -5.51 25.64 -6.28
O3 SO4 G . -7.81 25.63 -7.01
O4 SO4 G . -7.21 25.04 -4.78
S SO4 H . 8.61 23.97 -28.87
O1 SO4 H . 9.51 24.96 -29.48
O2 SO4 H . 8.67 22.74 -29.64
O3 SO4 H . 7.24 24.46 -28.86
O4 SO4 H . 9.08 23.75 -27.52
S SO4 I . 16.10 23.25 -16.61
O1 SO4 I . 15.97 24.71 -16.54
O2 SO4 I . 16.54 22.88 -17.91
O3 SO4 I . 14.79 22.68 -16.32
O4 SO4 I . 17.09 22.78 -15.67
S SO4 J . -4.37 -7.06 -7.37
O1 SO4 J . -4.95 -8.02 -8.33
O2 SO4 J . -3.57 -6.04 -8.03
O3 SO4 J . -5.45 -6.48 -6.67
O4 SO4 J . -3.50 -7.74 -6.45
N1 AR6 K . 5.08 -5.78 9.78
C2 AR6 K . 5.24 -6.21 11.04
N3 AR6 K . 4.96 -5.56 12.16
C4 AR6 K . 4.52 -4.33 11.88
C5 AR6 K . 4.28 -3.76 10.63
C6 AR6 K . 4.67 -4.52 9.51
N6 AR6 K . 4.45 -4.15 8.21
N7 AR6 K . 3.77 -2.47 10.75
C8 AR6 K . 3.70 -2.27 12.06
N9 AR6 K . 4.08 -3.42 12.79
PA AR6 K . -0.06 -1.63 17.97
PB AR6 K . -2.53 -3.17 17.87
C1' AR6 K . 3.98 -3.69 14.16
O1A AR6 K . -0.24 -1.88 19.46
O1B AR6 K . -3.50 -3.61 16.81
C1D AR6 K . -5.25 0.42 20.17
O1D AR6 K . -5.60 1.11 21.27
C2' AR6 K . 4.50 -2.59 15.04
O2' AR6 K . 5.85 -2.85 15.34
O2A AR6 K . 0.29 -0.30 17.39
O2B AR6 K . -1.67 -4.21 18.50
C2D AR6 K . -6.49 0.12 19.33
O2D AR6 K . -7.61 -0.09 20.14
C3' AR6 K . 3.65 -2.74 16.31
O3' AR6 K . 4.52 -3.50 17.13
O3A AR6 K . -1.53 -1.99 17.37
C3D AR6 K . -6.13 -1.19 18.65
O3D AR6 K . -7.34 -1.83 18.28
C4' AR6 K . 2.40 -3.52 15.84
O4' AR6 K . 2.60 -3.77 14.44
C4D AR6 K . -5.44 -1.89 19.84
O4D AR6 K . -4.69 -0.85 20.50
C5' AR6 K . 1.09 -2.81 16.01
O5' AR6 K . 0.89 -2.74 17.42
C5D AR6 K . -4.51 -2.99 19.52
O5D AR6 K . -3.31 -2.39 18.97
ZN ZN L . -33.50 -2.18 13.69
S SO4 M . 4.92 7.42 8.27
O1 SO4 M . 3.86 7.96 7.43
O2 SO4 M . 6.18 7.54 7.53
O3 SO4 M . 4.64 6.07 8.64
O4 SO4 M . 5.08 8.22 9.44
S SO4 N . 14.02 -14.43 18.49
O1 SO4 N . 14.25 -13.32 17.59
O2 SO4 N . 15.24 -15.12 18.77
O3 SO4 N . 13.10 -15.38 17.90
O4 SO4 N . 13.42 -13.88 19.69
S SO4 O . -8.13 -11.19 29.86
O1 SO4 O . -8.44 -9.77 29.82
O2 SO4 O . -6.96 -11.46 29.05
O3 SO4 O . -9.24 -11.95 29.35
O4 SO4 O . -7.86 -11.60 31.21
#